data_1L7T
#
_entry.id   1L7T
#
_cell.length_a   71.695
_cell.length_b   88.419
_cell.length_c   143.868
_cell.angle_alpha   90.00
_cell.angle_beta   90.00
_cell.angle_gamma   90.00
#
_symmetry.space_group_name_H-M   'C 2 2 21'
#
loop_
_entity.id
_entity.type
_entity.pdbx_description
1 polymer 'anti-testosterone (light chain)'
2 polymer 'anti-testosterone (heavy chain)'
3 water water
#
loop_
_entity_poly.entity_id
_entity_poly.type
_entity_poly.pdbx_seq_one_letter_code
_entity_poly.pdbx_strand_id
1 'polypeptide(L)'
;DVVVTQTPLSLPVSLGDQASISCRSSEVIVTRNGYTPIEWYLQKPGQSPKLLIYKAYKRFPGVPDRFSGSGSGTDFTLKI
SRVEAEDLGVYYCFDGSTVPPKFGGGTKLEIKRADAAPTVSIFPPSSEQLTSGGASVVCFLNNFYPKDINVKWKIDGSER
QNGVLNSWTDQDSKDSTYSMSSTLTLTKDEYERHNSYTCEATHKTSTSPIVKSFNRDEC
;
L
2 'polypeptide(L)'
;EVKLVESGGGLVKPGGSLKLSCAASGFTFSRYALSWVRQTADKRLEWVASIVSGGNTYYSGSVKGRFTISRDIARNILYL
QMSSLRSEDTAMYYCARAYYGYVGLVHWGQGTLVTVSSAKTTPPSVYPLAPGSAAQTNSMVTLGCLVKGYFPEPVTVTWN
SGSLSSGVHTFPAVLQSDLYTLSSSVTVPSSTWPSETVTCNVAHPASSTKVDKKIVPRDCG
;
H
#
# COMPACT_ATOMS: atom_id res chain seq x y z
N ASP A 1 15.44 23.57 13.06
CA ASP A 1 14.89 22.36 12.37
C ASP A 1 13.88 22.81 11.32
N VAL A 2 13.74 22.01 10.26
CA VAL A 2 12.81 22.34 9.20
C VAL A 2 11.67 21.33 9.15
N VAL A 3 10.48 21.84 8.88
CA VAL A 3 9.29 21.03 8.76
C VAL A 3 8.66 21.42 7.43
N VAL A 4 8.37 20.43 6.59
CA VAL A 4 7.77 20.68 5.30
C VAL A 4 6.30 20.27 5.32
N THR A 5 5.41 21.22 5.06
CA THR A 5 3.98 20.93 5.07
C THR A 5 3.49 20.88 3.62
N GLN A 6 3.05 19.70 3.18
CA GLN A 6 2.59 19.53 1.81
C GLN A 6 1.08 19.52 1.72
N THR A 7 0.52 20.19 0.72
CA THR A 7 -0.93 20.24 0.54
C THR A 7 -1.34 20.20 -0.94
N PRO A 8 -2.48 19.58 -1.25
CA PRO A 8 -3.40 18.94 -0.31
C PRO A 8 -2.94 17.53 0.01
N LEU A 9 -3.72 16.83 0.83
CA LEU A 9 -3.42 15.44 1.19
C LEU A 9 -3.82 14.59 0.01
N SER A 10 -4.94 14.98 -0.61
CA SER A 10 -5.48 14.26 -1.76
C SER A 10 -5.84 15.32 -2.80
N LEU A 11 -5.47 15.10 -4.05
CA LEU A 11 -5.79 16.06 -5.10
C LEU A 11 -6.55 15.41 -6.25
N PRO A 12 -7.87 15.60 -6.31
CA PRO A 12 -8.67 15.01 -7.38
C PRO A 12 -8.57 15.88 -8.62
N VAL A 13 -8.31 15.28 -9.78
CA VAL A 13 -8.19 16.03 -11.03
C VAL A 13 -8.65 15.22 -12.24
N SER A 14 -9.23 15.92 -13.20
CA SER A 14 -9.72 15.30 -14.43
C SER A 14 -8.57 15.13 -15.41
N LEU A 15 -8.64 14.06 -16.22
CA LEU A 15 -7.61 13.85 -17.22
C LEU A 15 -7.66 15.07 -18.14
N GLY A 16 -6.50 15.57 -18.55
CA GLY A 16 -6.49 16.72 -19.43
C GLY A 16 -6.41 18.04 -18.70
N ASP A 17 -6.72 18.05 -17.40
CA ASP A 17 -6.66 19.29 -16.62
C ASP A 17 -5.28 19.51 -16.02
N GLN A 18 -5.12 20.66 -15.39
CA GLN A 18 -3.86 21.02 -14.77
C GLN A 18 -3.91 20.61 -13.30
N ALA A 19 -2.74 20.26 -12.76
CA ALA A 19 -2.64 19.87 -11.36
C ALA A 19 -1.54 20.71 -10.73
N SER A 20 -1.75 21.08 -9.46
CA SER A 20 -0.78 21.90 -8.74
C SER A 20 -0.61 21.41 -7.30
N ILE A 21 0.61 21.05 -6.93
CA ILE A 21 0.88 20.56 -5.59
C ILE A 21 1.80 21.52 -4.86
N SER A 22 1.44 21.84 -3.62
CA SER A 22 2.19 22.81 -2.84
C SER A 22 2.91 22.28 -1.61
N CYS A 23 4.10 22.81 -1.39
CA CYS A 23 4.93 22.48 -0.24
C CYS A 23 5.46 23.78 0.35
N ARG A 24 5.38 23.88 1.68
CA ARG A 24 5.87 25.05 2.37
C ARG A 24 6.84 24.66 3.46
N SER A 25 8.07 25.16 3.36
CA SER A 25 9.07 24.87 4.37
C SER A 25 8.89 25.90 5.47
N SER A 26 9.22 25.52 6.69
CA SER A 26 9.10 26.44 7.82
C SER A 26 10.28 27.41 7.78
N GLU A 27 11.25 27.11 6.92
CA GLU A 27 12.44 27.94 6.76
C GLU A 27 12.50 28.47 5.32
N VAL A 28 12.78 29.75 5.17
CA VAL A 28 12.88 30.37 3.85
C VAL A 28 14.19 29.95 3.19
N ILE A 29 14.12 29.41 1.98
CA ILE A 29 15.32 28.99 1.28
C ILE A 29 15.97 30.15 0.54
N VAL A 30 17.29 30.20 0.60
CA VAL A 30 18.07 31.25 -0.06
C VAL A 30 18.56 30.78 -1.42
N THR A 31 18.76 31.73 -2.33
CA THR A 31 19.25 31.50 -3.69
C THR A 31 18.32 31.91 -4.84
N ARG A 32 18.77 32.88 -5.62
CA ARG A 32 18.02 33.34 -6.80
C ARG A 32 18.88 33.00 -8.00
N ASN A 33 20.06 32.44 -7.73
CA ASN A 33 21.00 32.06 -8.78
C ASN A 33 21.99 30.99 -8.30
N GLY A 34 22.05 30.77 -6.99
CA GLY A 34 22.99 29.78 -6.48
C GLY A 34 22.46 28.42 -6.05
N TYR A 35 21.76 27.72 -6.95
CA TYR A 35 21.25 26.37 -6.66
C TYR A 35 20.20 26.32 -5.54
N THR A 36 19.17 25.51 -5.76
CA THR A 36 18.09 25.36 -4.78
C THR A 36 17.85 23.87 -4.55
N PRO A 37 18.02 23.40 -3.30
CA PRO A 37 17.82 21.99 -2.95
C PRO A 37 16.38 21.54 -2.75
N ILE A 38 15.54 21.74 -3.75
CA ILE A 38 14.15 21.31 -3.67
C ILE A 38 13.93 20.24 -4.72
N GLU A 39 13.46 19.08 -4.30
CA GLU A 39 13.23 17.97 -5.21
C GLU A 39 11.80 17.46 -5.14
N TRP A 40 11.37 16.81 -6.22
CA TRP A 40 10.02 16.24 -6.25
C TRP A 40 10.12 14.78 -6.65
N TYR A 41 9.32 13.95 -5.98
CA TYR A 41 9.31 12.53 -6.25
C TYR A 41 7.90 12.03 -6.47
N LEU A 42 7.81 10.94 -7.21
CA LEU A 42 6.53 10.30 -7.48
C LEU A 42 6.68 8.82 -7.19
N GLN A 43 5.73 8.25 -6.46
CA GLN A 43 5.79 6.84 -6.18
C GLN A 43 4.53 6.22 -6.79
N LYS A 44 4.69 5.50 -7.88
CA LYS A 44 3.54 4.87 -8.52
C LYS A 44 3.08 3.68 -7.71
N PRO A 45 1.80 3.31 -7.82
CA PRO A 45 1.24 2.18 -7.07
C PRO A 45 2.13 0.94 -7.09
N GLY A 46 2.42 0.43 -5.90
CA GLY A 46 3.25 -0.76 -5.75
C GLY A 46 4.70 -0.58 -6.17
N GLN A 47 5.13 0.65 -6.43
CA GLN A 47 6.51 0.86 -6.85
C GLN A 47 7.36 1.73 -5.93
N SER A 48 8.66 1.75 -6.21
CA SER A 48 9.59 2.53 -5.41
C SER A 48 9.54 3.99 -5.85
N PRO A 49 9.75 4.92 -4.92
CA PRO A 49 9.72 6.34 -5.30
C PRO A 49 10.74 6.59 -6.42
N LYS A 50 10.49 7.61 -7.23
CA LYS A 50 11.38 7.97 -8.33
C LYS A 50 11.48 9.49 -8.45
N LEU A 51 12.64 9.97 -8.87
CA LEU A 51 12.91 11.40 -9.03
C LEU A 51 12.25 12.02 -10.27
N LEU A 52 11.59 13.15 -10.07
CA LEU A 52 10.94 13.89 -11.14
C LEU A 52 11.71 15.18 -11.37
N ILE A 53 11.87 15.95 -10.31
CA ILE A 53 12.57 17.23 -10.38
C ILE A 53 13.61 17.43 -9.27
N TYR A 54 14.70 18.12 -9.62
CA TYR A 54 15.76 18.43 -8.67
C TYR A 54 16.21 19.87 -8.92
N LYS A 55 16.92 20.47 -7.98
CA LYS A 55 17.35 21.86 -8.13
C LYS A 55 16.10 22.70 -8.35
N ALA A 56 14.98 22.23 -7.79
CA ALA A 56 13.69 22.90 -7.88
C ALA A 56 13.04 23.00 -9.26
N TYR A 57 13.83 23.09 -10.33
CA TYR A 57 13.24 23.21 -11.65
C TYR A 57 13.75 22.31 -12.77
N LYS A 58 14.79 21.53 -12.51
CA LYS A 58 15.33 20.64 -13.53
C LYS A 58 14.62 19.30 -13.55
N ARG A 59 14.28 18.82 -14.75
CA ARG A 59 13.59 17.55 -14.91
C ARG A 59 14.57 16.40 -15.11
N PHE A 60 14.45 15.37 -14.28
CA PHE A 60 15.30 14.19 -14.38
C PHE A 60 14.99 13.56 -15.74
N PRO A 61 16.02 13.02 -16.43
CA PRO A 61 15.78 12.40 -17.74
C PRO A 61 14.71 11.32 -17.63
N GLY A 62 13.82 11.27 -18.61
CA GLY A 62 12.76 10.29 -18.59
C GLY A 62 11.43 10.87 -18.14
N VAL A 63 11.49 11.96 -17.39
CA VAL A 63 10.27 12.61 -16.88
C VAL A 63 9.59 13.44 -17.97
N PRO A 64 8.29 13.22 -18.19
CA PRO A 64 7.54 13.96 -19.21
C PRO A 64 7.65 15.47 -19.04
N ASP A 65 7.65 16.19 -20.16
CA ASP A 65 7.76 17.64 -20.10
C ASP A 65 6.48 18.27 -19.54
N ARG A 66 5.48 17.45 -19.26
CA ARG A 66 4.24 17.95 -18.69
C ARG A 66 4.47 18.40 -17.25
N PHE A 67 5.49 17.83 -16.61
CA PHE A 67 5.82 18.18 -15.23
C PHE A 67 6.77 19.36 -15.19
N SER A 68 6.62 20.22 -14.18
CA SER A 68 7.51 21.35 -14.03
C SER A 68 7.44 21.85 -12.59
N GLY A 69 8.59 22.30 -12.09
CA GLY A 69 8.63 22.79 -10.73
C GLY A 69 8.91 24.27 -10.71
N SER A 70 8.43 24.93 -9.66
CA SER A 70 8.63 26.36 -9.49
C SER A 70 8.57 26.66 -7.99
N GLY A 71 9.05 27.84 -7.61
CA GLY A 71 9.01 28.22 -6.22
C GLY A 71 9.98 29.33 -5.86
N SER A 72 9.79 29.87 -4.67
CA SER A 72 10.63 30.96 -4.18
C SER A 72 10.37 31.11 -2.69
N GLY A 73 11.45 31.28 -1.92
CA GLY A 73 11.32 31.45 -0.49
C GLY A 73 10.91 30.18 0.26
N THR A 74 9.73 30.22 0.87
CA THR A 74 9.21 29.08 1.62
C THR A 74 8.27 28.21 0.80
N ASP A 75 7.79 28.77 -0.32
CA ASP A 75 6.83 28.06 -1.15
C ASP A 75 7.33 27.49 -2.47
N PHE A 76 6.98 26.23 -2.69
CA PHE A 76 7.37 25.55 -3.91
C PHE A 76 6.22 24.66 -4.38
N THR A 77 6.02 24.63 -5.69
CA THR A 77 4.92 23.85 -6.21
C THR A 77 5.28 23.09 -7.48
N LEU A 78 4.78 21.87 -7.56
CA LEU A 78 5.00 21.00 -8.70
C LEU A 78 3.76 21.15 -9.57
N LYS A 79 3.96 21.28 -10.89
CA LYS A 79 2.83 21.44 -11.81
C LYS A 79 2.83 20.48 -12.99
N ILE A 80 1.62 20.02 -13.33
CA ILE A 80 1.40 19.13 -14.46
C ILE A 80 0.49 19.87 -15.44
N SER A 81 1.03 20.15 -16.63
CA SER A 81 0.29 20.87 -17.66
C SER A 81 -1.09 20.27 -17.94
N ARG A 82 -1.12 18.97 -18.18
CA ARG A 82 -2.37 18.26 -18.42
C ARG A 82 -2.19 16.80 -17.99
N VAL A 83 -2.96 16.42 -16.98
CA VAL A 83 -2.90 15.10 -16.40
C VAL A 83 -3.21 13.91 -17.32
N GLU A 84 -2.34 12.91 -17.26
CA GLU A 84 -2.51 11.67 -18.02
C GLU A 84 -2.69 10.57 -16.96
N ALA A 85 -3.45 9.54 -17.30
CA ALA A 85 -3.70 8.43 -16.38
C ALA A 85 -2.41 7.88 -15.77
N GLU A 86 -1.32 8.10 -16.48
CA GLU A 86 0.00 7.64 -16.07
C GLU A 86 0.52 8.37 -14.83
N ASP A 87 -0.03 9.53 -14.53
CA ASP A 87 0.41 10.33 -13.39
C ASP A 87 -0.21 9.96 -12.04
N LEU A 88 -1.02 8.91 -12.01
CA LEU A 88 -1.63 8.49 -10.77
C LEU A 88 -0.54 8.01 -9.81
N GLY A 89 -0.65 8.40 -8.54
CA GLY A 89 0.33 8.00 -7.55
C GLY A 89 0.43 9.01 -6.42
N VAL A 90 1.50 8.90 -5.63
CA VAL A 90 1.70 9.84 -4.53
C VAL A 90 2.95 10.65 -4.85
N TYR A 91 2.83 11.97 -4.75
CA TYR A 91 3.95 12.86 -5.03
C TYR A 91 4.49 13.42 -3.74
N TYR A 92 5.81 13.51 -3.63
CA TYR A 92 6.44 14.04 -2.43
C TYR A 92 7.47 15.09 -2.78
N CYS A 93 7.49 16.19 -2.03
CA CYS A 93 8.51 17.19 -2.24
C CYS A 93 9.60 16.81 -1.24
N PHE A 94 10.76 17.44 -1.36
CA PHE A 94 11.89 17.12 -0.51
C PHE A 94 12.75 18.37 -0.36
N ASP A 95 12.98 18.79 0.87
CA ASP A 95 13.79 19.98 1.14
C ASP A 95 15.16 19.53 1.62
N GLY A 96 16.16 19.69 0.76
CA GLY A 96 17.49 19.27 1.12
C GLY A 96 18.43 20.42 1.45
N SER A 97 17.93 21.44 2.13
CA SER A 97 18.76 22.58 2.48
C SER A 97 19.51 22.38 3.81
N THR A 98 19.02 21.48 4.66
CA THR A 98 19.67 21.22 5.93
C THR A 98 19.71 19.74 6.26
N VAL A 99 20.55 19.39 7.24
CA VAL A 99 20.68 18.02 7.68
C VAL A 99 19.87 17.89 8.96
N PRO A 100 18.95 16.92 9.02
CA PRO A 100 18.67 15.99 7.91
C PRO A 100 17.64 16.54 6.93
N PRO A 101 17.72 16.11 5.67
CA PRO A 101 16.77 16.56 4.64
C PRO A 101 15.38 16.10 5.06
N LYS A 102 14.35 16.85 4.69
CA LYS A 102 12.98 16.47 5.06
C LYS A 102 12.06 16.29 3.86
N PHE A 103 11.19 15.29 3.93
CA PHE A 103 10.22 15.01 2.87
C PHE A 103 8.90 15.65 3.26
N GLY A 104 8.10 16.01 2.26
CA GLY A 104 6.79 16.56 2.54
C GLY A 104 5.91 15.35 2.84
N GLY A 105 4.77 15.57 3.48
CA GLY A 105 3.87 14.46 3.81
C GLY A 105 3.33 13.68 2.63
N GLY A 106 3.42 14.26 1.44
CA GLY A 106 2.94 13.56 0.26
C GLY A 106 1.53 13.93 -0.14
N THR A 107 1.27 13.92 -1.44
CA THR A 107 -0.04 14.24 -1.97
C THR A 107 -0.50 13.14 -2.90
N LYS A 108 -1.66 12.59 -2.60
CA LYS A 108 -2.21 11.53 -3.40
C LYS A 108 -2.95 12.18 -4.57
N LEU A 109 -2.52 11.87 -5.79
CA LEU A 109 -3.17 12.41 -6.98
C LEU A 109 -4.27 11.43 -7.37
N GLU A 110 -5.51 11.89 -7.34
CA GLU A 110 -6.64 11.03 -7.70
C GLU A 110 -7.21 11.42 -9.06
N ILE A 111 -7.43 10.43 -9.92
CA ILE A 111 -7.97 10.68 -11.24
C ILE A 111 -9.50 10.65 -11.20
N LYS A 112 -10.12 11.77 -11.51
CA LYS A 112 -11.57 11.85 -11.53
C LYS A 112 -12.12 11.02 -12.69
N ARG A 113 -13.25 10.36 -12.44
CA ARG A 113 -13.92 9.56 -13.46
C ARG A 113 -15.42 9.71 -13.20
N ALA A 114 -16.25 9.21 -14.10
CA ALA A 114 -17.69 9.32 -13.92
C ALA A 114 -18.09 8.55 -12.66
N ASP A 115 -19.16 8.99 -12.00
CA ASP A 115 -19.65 8.30 -10.80
C ASP A 115 -20.10 6.89 -11.18
N ALA A 116 -19.92 5.95 -10.25
CA ALA A 116 -20.34 4.57 -10.48
C ALA A 116 -20.77 3.95 -9.17
N ALA A 117 -21.84 3.15 -9.25
CA ALA A 117 -22.40 2.47 -8.08
C ALA A 117 -21.63 1.18 -7.86
N PRO A 118 -21.48 0.76 -6.59
CA PRO A 118 -20.75 -0.46 -6.30
C PRO A 118 -21.52 -1.74 -6.61
N THR A 119 -20.77 -2.82 -6.86
CA THR A 119 -21.38 -4.12 -7.10
C THR A 119 -21.17 -4.83 -5.75
N VAL A 120 -22.26 -5.04 -5.02
CA VAL A 120 -22.21 -5.65 -3.70
C VAL A 120 -22.50 -7.14 -3.69
N SER A 121 -21.69 -7.88 -2.95
CA SER A 121 -21.84 -9.32 -2.83
C SER A 121 -21.51 -9.72 -1.39
N ILE A 122 -22.44 -10.45 -0.77
CA ILE A 122 -22.25 -10.89 0.61
C ILE A 122 -21.85 -12.35 0.62
N PHE A 123 -21.09 -12.77 1.65
CA PHE A 123 -20.63 -14.16 1.74
C PHE A 123 -20.66 -14.74 3.16
N PRO A 124 -21.42 -15.81 3.37
CA PRO A 124 -21.51 -16.44 4.69
C PRO A 124 -20.19 -17.12 5.02
N PRO A 125 -19.95 -17.45 6.30
CA PRO A 125 -18.71 -18.12 6.70
C PRO A 125 -18.49 -19.46 5.99
N SER A 126 -17.24 -19.78 5.67
CA SER A 126 -16.95 -21.05 5.01
C SER A 126 -17.22 -22.18 6.01
N SER A 127 -17.59 -23.36 5.52
CA SER A 127 -17.83 -24.46 6.44
C SER A 127 -16.50 -24.73 7.15
N GLU A 128 -15.39 -24.58 6.43
CA GLU A 128 -14.07 -24.81 7.01
C GLU A 128 -13.82 -23.92 8.22
N GLN A 129 -14.28 -22.67 8.15
CA GLN A 129 -14.07 -21.76 9.26
C GLN A 129 -14.95 -22.10 10.46
N LEU A 130 -16.19 -22.52 10.21
CA LEU A 130 -17.08 -22.86 11.30
C LEU A 130 -16.49 -24.05 12.07
N THR A 131 -15.94 -25.01 11.34
CA THR A 131 -15.33 -26.19 11.95
C THR A 131 -14.26 -25.76 12.96
N SER A 132 -13.52 -24.69 12.64
CA SER A 132 -12.48 -24.19 13.53
C SER A 132 -13.02 -23.33 14.66
N GLY A 133 -14.32 -23.09 14.67
CA GLY A 133 -14.91 -22.27 15.73
C GLY A 133 -15.05 -20.78 15.47
N GLY A 134 -14.78 -20.34 14.24
CA GLY A 134 -14.90 -18.92 13.93
C GLY A 134 -15.97 -18.65 12.89
N ALA A 135 -16.47 -17.41 12.82
CA ALA A 135 -17.50 -17.05 11.84
C ALA A 135 -17.38 -15.60 11.34
N SER A 136 -16.82 -15.44 10.16
CA SER A 136 -16.67 -14.10 9.57
C SER A 136 -17.62 -13.95 8.39
N VAL A 137 -18.41 -12.89 8.39
CA VAL A 137 -19.34 -12.66 7.29
C VAL A 137 -18.71 -11.56 6.42
N VAL A 138 -18.36 -11.89 5.18
CA VAL A 138 -17.72 -10.92 4.30
C VAL A 138 -18.62 -10.23 3.29
N CYS A 139 -18.36 -8.94 3.06
CA CYS A 139 -19.12 -8.17 2.11
C CYS A 139 -18.22 -7.33 1.21
N PHE A 140 -18.36 -7.50 -0.10
CA PHE A 140 -17.56 -6.73 -1.04
C PHE A 140 -18.42 -5.67 -1.73
N LEU A 141 -17.82 -4.50 -1.90
CA LEU A 141 -18.47 -3.39 -2.58
C LEU A 141 -17.40 -3.05 -3.60
N ASN A 142 -17.59 -3.48 -4.84
CA ASN A 142 -16.58 -3.27 -5.86
C ASN A 142 -16.85 -2.32 -7.00
N ASN A 143 -15.74 -1.77 -7.50
CA ASN A 143 -15.74 -0.86 -8.62
C ASN A 143 -16.70 0.31 -8.55
N PHE A 144 -16.54 1.16 -7.55
CA PHE A 144 -17.40 2.33 -7.42
C PHE A 144 -16.58 3.63 -7.43
N TYR A 145 -17.27 4.75 -7.60
CA TYR A 145 -16.66 6.08 -7.60
C TYR A 145 -17.74 7.12 -7.32
N PRO A 146 -17.47 8.11 -6.46
CA PRO A 146 -16.23 8.34 -5.71
C PRO A 146 -15.99 7.37 -4.55
N LYS A 147 -14.82 7.46 -3.94
CA LYS A 147 -14.43 6.55 -2.85
C LYS A 147 -15.30 6.50 -1.59
N ASP A 148 -15.81 7.62 -1.12
CA ASP A 148 -16.62 7.58 0.10
C ASP A 148 -17.90 6.77 -0.05
N ILE A 149 -18.12 5.87 0.90
CA ILE A 149 -19.31 5.03 0.87
C ILE A 149 -19.78 4.64 2.29
N ASN A 150 -21.09 4.41 2.42
CA ASN A 150 -21.74 4.04 3.68
C ASN A 150 -22.05 2.54 3.75
N VAL A 151 -21.55 1.87 4.79
CA VAL A 151 -21.79 0.44 4.96
C VAL A 151 -22.34 0.12 6.35
N LYS A 152 -23.63 -0.15 6.42
CA LYS A 152 -24.26 -0.48 7.69
C LYS A 152 -24.71 -1.93 7.70
N TRP A 153 -24.37 -2.63 8.78
CA TRP A 153 -24.76 -4.04 8.92
C TRP A 153 -26.01 -4.20 9.77
N LYS A 154 -26.76 -5.25 9.49
CA LYS A 154 -27.98 -5.54 10.24
C LYS A 154 -28.10 -7.04 10.46
N ILE A 155 -28.29 -7.42 11.72
CA ILE A 155 -28.45 -8.81 12.08
C ILE A 155 -29.88 -8.94 12.55
N ASP A 156 -30.66 -9.76 11.85
CA ASP A 156 -32.07 -9.94 12.18
C ASP A 156 -32.74 -8.57 12.35
N GLY A 157 -32.29 -7.60 11.54
CA GLY A 157 -32.88 -6.27 11.59
C GLY A 157 -32.23 -5.22 12.48
N SER A 158 -31.36 -5.64 13.39
CA SER A 158 -30.70 -4.69 14.27
C SER A 158 -29.33 -4.30 13.75
N GLU A 159 -29.09 -3.00 13.65
CA GLU A 159 -27.82 -2.50 13.16
C GLU A 159 -26.68 -3.02 14.03
N ARG A 160 -25.60 -3.43 13.38
CA ARG A 160 -24.43 -3.94 14.08
C ARG A 160 -23.30 -2.95 13.84
N GLN A 161 -23.02 -2.12 14.82
CA GLN A 161 -21.96 -1.12 14.70
C GLN A 161 -20.75 -1.44 15.57
N ASN A 162 -20.29 -2.68 15.48
CA ASN A 162 -19.13 -3.13 16.24
C ASN A 162 -18.68 -4.50 15.75
N GLY A 163 -17.38 -4.69 15.61
CA GLY A 163 -16.85 -5.96 15.13
C GLY A 163 -16.74 -5.95 13.62
N VAL A 164 -17.09 -4.82 13.02
CA VAL A 164 -17.03 -4.66 11.57
C VAL A 164 -15.81 -3.85 11.16
N LEU A 165 -14.88 -4.49 10.47
CA LEU A 165 -13.67 -3.83 10.01
C LEU A 165 -13.77 -3.52 8.51
N ASN A 166 -12.96 -2.58 8.06
CA ASN A 166 -12.97 -2.19 6.65
C ASN A 166 -11.57 -2.12 6.06
N SER A 167 -11.53 -2.09 4.74
CA SER A 167 -10.28 -2.02 4.00
C SER A 167 -10.63 -1.60 2.57
N TRP A 168 -9.85 -0.68 2.02
CA TRP A 168 -10.10 -0.17 0.69
C TRP A 168 -8.89 -0.30 -0.22
N THR A 169 -9.11 -0.65 -1.47
CA THR A 169 -8.02 -0.76 -2.43
C THR A 169 -7.70 0.65 -2.88
N ASP A 170 -6.54 0.83 -3.50
CA ASP A 170 -6.17 2.13 -4.02
C ASP A 170 -6.94 2.25 -5.34
N GLN A 171 -6.96 3.44 -5.92
CA GLN A 171 -7.66 3.66 -7.19
C GLN A 171 -7.24 2.68 -8.27
N ASP A 172 -8.21 1.96 -8.83
CA ASP A 172 -7.93 0.96 -9.86
C ASP A 172 -7.09 1.50 -11.00
N SER A 173 -6.12 0.70 -11.41
CA SER A 173 -5.20 1.06 -12.48
C SER A 173 -5.85 0.94 -13.85
N LYS A 174 -6.93 0.17 -13.93
CA LYS A 174 -7.62 -0.04 -15.19
C LYS A 174 -8.76 0.95 -15.42
N ASP A 175 -9.73 0.96 -14.51
CA ASP A 175 -10.89 1.83 -14.65
C ASP A 175 -10.97 3.04 -13.73
N SER A 176 -9.98 3.19 -12.86
CA SER A 176 -9.94 4.32 -11.94
C SER A 176 -10.99 4.26 -10.82
N THR A 177 -11.60 3.09 -10.61
CA THR A 177 -12.59 2.95 -9.56
C THR A 177 -11.96 2.49 -8.25
N TYR A 178 -12.78 2.51 -7.19
CA TYR A 178 -12.36 2.09 -5.86
C TYR A 178 -13.15 0.84 -5.45
N SER A 179 -12.53 0.01 -4.63
CA SER A 179 -13.17 -1.20 -4.13
C SER A 179 -12.98 -1.25 -2.61
N MET A 180 -13.94 -1.89 -1.93
CA MET A 180 -13.90 -1.98 -0.49
C MET A 180 -14.43 -3.29 0.06
N SER A 181 -13.81 -3.75 1.14
CA SER A 181 -14.23 -4.98 1.78
C SER A 181 -14.62 -4.67 3.22
N SER A 182 -15.71 -5.29 3.67
CA SER A 182 -16.16 -5.12 5.03
C SER A 182 -16.33 -6.51 5.62
N THR A 183 -15.71 -6.74 6.77
CA THR A 183 -15.76 -8.03 7.43
C THR A 183 -16.28 -8.01 8.87
N LEU A 184 -17.43 -8.64 9.07
CA LEU A 184 -18.04 -8.75 10.39
C LEU A 184 -17.56 -10.08 10.97
N THR A 185 -16.84 -10.04 12.09
CA THR A 185 -16.34 -11.27 12.68
C THR A 185 -17.06 -11.65 13.97
N LEU A 186 -17.30 -12.95 14.14
CA LEU A 186 -17.99 -13.46 15.32
C LEU A 186 -17.59 -14.90 15.60
N THR A 187 -18.03 -15.40 16.75
CA THR A 187 -17.77 -16.77 17.16
C THR A 187 -18.87 -17.63 16.55
N LYS A 188 -18.62 -18.94 16.43
CA LYS A 188 -19.64 -19.84 15.88
C LYS A 188 -20.92 -19.67 16.69
N ASP A 189 -20.78 -19.71 18.01
CA ASP A 189 -21.91 -19.57 18.93
C ASP A 189 -22.71 -18.31 18.61
N GLU A 190 -22.06 -17.16 18.74
CA GLU A 190 -22.68 -15.88 18.48
C GLU A 190 -23.36 -15.90 17.12
N TYR A 191 -22.63 -16.33 16.10
CA TYR A 191 -23.14 -16.38 14.75
C TYR A 191 -24.45 -17.19 14.63
N GLU A 192 -24.52 -18.31 15.31
CA GLU A 192 -25.69 -19.17 15.23
C GLU A 192 -26.93 -18.74 16.01
N ARG A 193 -26.80 -17.69 16.82
CA ARG A 193 -27.95 -17.21 17.58
C ARG A 193 -28.86 -16.33 16.72
N HIS A 194 -28.52 -16.19 15.44
CA HIS A 194 -29.31 -15.39 14.51
C HIS A 194 -29.26 -15.98 13.11
N ASN A 195 -30.29 -15.71 12.30
CA ASN A 195 -30.33 -16.25 10.95
C ASN A 195 -30.27 -15.21 9.84
N SER A 196 -30.63 -13.96 10.14
CA SER A 196 -30.64 -12.91 9.12
C SER A 196 -29.47 -11.93 9.18
N TYR A 197 -28.65 -11.94 8.13
CA TYR A 197 -27.48 -11.07 8.03
C TYR A 197 -27.58 -10.16 6.80
N THR A 198 -27.41 -8.85 7.02
CA THR A 198 -27.52 -7.87 5.95
C THR A 198 -26.33 -6.92 5.78
N CYS A 199 -25.99 -6.64 4.54
CA CYS A 199 -24.91 -5.70 4.19
C CYS A 199 -25.60 -4.59 3.43
N GLU A 200 -25.81 -3.44 4.08
CA GLU A 200 -26.50 -2.32 3.46
C GLU A 200 -25.53 -1.18 3.17
N ALA A 201 -25.54 -0.70 1.93
CA ALA A 201 -24.65 0.38 1.55
C ALA A 201 -25.35 1.49 0.79
N THR A 202 -25.14 2.73 1.22
CA THR A 202 -25.73 3.88 0.54
C THR A 202 -24.57 4.67 -0.07
N HIS A 203 -24.64 4.87 -1.38
CA HIS A 203 -23.60 5.58 -2.10
C HIS A 203 -24.23 6.81 -2.72
N LYS A 204 -23.42 7.85 -2.90
CA LYS A 204 -23.90 9.09 -3.47
C LYS A 204 -24.59 8.91 -4.82
N THR A 205 -24.31 7.82 -5.53
CA THR A 205 -24.94 7.59 -6.84
C THR A 205 -26.42 7.20 -6.76
N SER A 206 -26.94 7.05 -5.55
CA SER A 206 -28.36 6.72 -5.37
C SER A 206 -28.81 6.98 -3.94
N THR A 207 -30.01 7.53 -3.79
CA THR A 207 -30.54 7.81 -2.45
C THR A 207 -31.05 6.52 -1.79
N SER A 208 -31.40 5.54 -2.60
CA SER A 208 -31.90 4.26 -2.07
C SER A 208 -30.74 3.28 -1.94
N PRO A 209 -30.47 2.81 -0.72
CA PRO A 209 -29.40 1.87 -0.43
C PRO A 209 -29.47 0.56 -1.19
N ILE A 210 -28.31 -0.07 -1.35
CA ILE A 210 -28.21 -1.35 -2.03
C ILE A 210 -28.12 -2.40 -0.92
N VAL A 211 -29.15 -3.22 -0.82
CA VAL A 211 -29.18 -4.27 0.20
C VAL A 211 -28.86 -5.62 -0.38
N LYS A 212 -27.98 -6.34 0.31
CA LYS A 212 -27.57 -7.67 -0.11
C LYS A 212 -27.46 -8.45 1.20
N SER A 213 -28.15 -9.59 1.28
CA SER A 213 -28.14 -10.37 2.50
C SER A 213 -28.43 -11.85 2.31
N PHE A 214 -28.37 -12.61 3.40
CA PHE A 214 -28.63 -14.04 3.37
C PHE A 214 -29.18 -14.53 4.70
N ASN A 215 -29.71 -15.75 4.69
CA ASN A 215 -30.27 -16.35 5.89
C ASN A 215 -29.60 -17.70 6.09
N ARG A 216 -29.17 -17.99 7.32
CA ARG A 216 -28.52 -19.26 7.62
C ARG A 216 -29.36 -20.46 7.23
N ASP A 217 -30.67 -20.27 7.19
CA ASP A 217 -31.60 -21.35 6.85
C ASP A 217 -31.52 -21.82 5.40
N GLU A 218 -30.50 -21.39 4.67
CA GLU A 218 -30.33 -21.78 3.28
C GLU A 218 -28.89 -22.25 3.04
N CYS A 219 -28.55 -22.54 1.79
CA CYS A 219 -27.20 -22.99 1.46
C CYS A 219 -26.19 -21.86 1.40
N GLU B 1 23.55 -0.50 -16.86
CA GLU B 1 22.42 0.07 -16.07
C GLU B 1 22.73 0.06 -14.56
N VAL B 2 22.23 1.06 -13.85
CA VAL B 2 22.43 1.17 -12.41
C VAL B 2 21.44 0.32 -11.65
N LYS B 3 21.95 -0.51 -10.74
CA LYS B 3 21.10 -1.40 -9.95
C LYS B 3 21.46 -1.39 -8.46
N LEU B 4 20.44 -1.45 -7.62
CA LEU B 4 20.63 -1.47 -6.16
C LEU B 4 19.58 -2.43 -5.58
N VAL B 5 20.05 -3.41 -4.79
CA VAL B 5 19.16 -4.40 -4.20
C VAL B 5 19.34 -4.51 -2.70
N GLU B 6 18.29 -4.19 -1.95
CA GLU B 6 18.34 -4.26 -0.50
C GLU B 6 18.09 -5.69 -0.03
N SER B 7 18.60 -6.03 1.15
CA SER B 7 18.39 -7.35 1.72
C SER B 7 18.75 -7.34 3.21
N GLY B 8 18.19 -8.28 3.96
CA GLY B 8 18.48 -8.36 5.38
C GLY B 8 17.26 -8.06 6.24
N GLY B 9 16.18 -7.64 5.61
CA GLY B 9 14.98 -7.35 6.37
C GLY B 9 14.42 -8.57 7.05
N GLY B 10 13.68 -8.37 8.13
CA GLY B 10 13.10 -9.47 8.87
C GLY B 10 12.41 -9.03 10.14
N LEU B 11 11.95 -9.99 10.93
CA LEU B 11 11.27 -9.71 12.18
C LEU B 11 12.31 -9.62 13.29
N VAL B 12 12.21 -8.58 14.12
CA VAL B 12 13.16 -8.41 15.21
C VAL B 12 12.45 -7.83 16.42
N LYS B 13 12.78 -8.34 17.60
CA LYS B 13 12.15 -7.86 18.82
C LYS B 13 12.72 -6.54 19.29
N PRO B 14 11.89 -5.70 19.93
CA PRO B 14 12.36 -4.40 20.43
C PRO B 14 13.67 -4.57 21.18
N GLY B 15 14.57 -3.60 21.01
CA GLY B 15 15.87 -3.65 21.67
C GLY B 15 16.89 -4.45 20.88
N GLY B 16 16.45 -5.20 19.88
CA GLY B 16 17.36 -6.02 19.09
C GLY B 16 18.15 -5.29 18.01
N SER B 17 18.93 -6.07 17.26
CA SER B 17 19.75 -5.52 16.19
C SER B 17 19.52 -6.26 14.89
N LEU B 18 19.81 -5.58 13.79
CA LEU B 18 19.65 -6.15 12.46
C LEU B 18 20.50 -5.30 11.54
N LYS B 19 21.21 -5.94 10.62
CA LYS B 19 22.06 -5.23 9.68
C LYS B 19 21.56 -5.40 8.24
N LEU B 20 21.22 -4.30 7.59
CA LEU B 20 20.72 -4.34 6.22
C LEU B 20 21.84 -4.15 5.20
N SER B 21 21.67 -4.77 4.04
CA SER B 21 22.63 -4.70 2.94
C SER B 21 22.00 -4.14 1.69
N CYS B 22 22.80 -3.44 0.90
CA CYS B 22 22.38 -2.84 -0.36
C CYS B 22 23.47 -3.11 -1.38
N ALA B 23 23.29 -4.14 -2.19
CA ALA B 23 24.27 -4.50 -3.21
C ALA B 23 24.07 -3.63 -4.45
N ALA B 24 25.17 -3.09 -4.97
CA ALA B 24 25.13 -2.22 -6.13
C ALA B 24 25.88 -2.79 -7.34
N SER B 25 25.50 -2.30 -8.52
CA SER B 25 26.13 -2.71 -9.78
C SER B 25 25.76 -1.70 -10.85
N GLY B 26 26.59 -1.61 -11.89
CA GLY B 26 26.31 -0.70 -12.98
C GLY B 26 26.93 0.69 -12.85
N PHE B 27 27.74 0.92 -11.82
CA PHE B 27 28.35 2.23 -11.66
C PHE B 27 29.56 2.20 -10.74
N THR B 28 30.43 3.20 -10.87
CA THR B 28 31.62 3.29 -10.01
C THR B 28 31.16 3.61 -8.58
N PHE B 29 30.93 2.55 -7.81
CA PHE B 29 30.48 2.64 -6.43
C PHE B 29 31.06 3.79 -5.61
N SER B 30 32.38 3.85 -5.50
CA SER B 30 33.07 4.89 -4.72
C SER B 30 32.71 6.36 -4.99
N ARG B 31 32.44 6.67 -6.26
CA ARG B 31 32.11 8.04 -6.67
C ARG B 31 30.82 8.71 -6.18
N TYR B 32 29.89 7.94 -5.63
CA TYR B 32 28.60 8.53 -5.23
C TYR B 32 28.16 8.51 -3.78
N ALA B 33 27.24 9.41 -3.47
CA ALA B 33 26.65 9.49 -2.14
C ALA B 33 25.55 8.44 -2.15
N LEU B 34 25.41 7.70 -1.05
CA LEU B 34 24.38 6.68 -0.94
C LEU B 34 23.54 6.95 0.31
N SER B 35 22.24 6.71 0.22
CA SER B 35 21.36 6.96 1.35
C SER B 35 20.33 5.86 1.60
N TRP B 36 19.81 5.85 2.81
CA TRP B 36 18.78 4.91 3.21
C TRP B 36 17.59 5.79 3.54
N VAL B 37 16.43 5.40 3.02
CA VAL B 37 15.21 6.14 3.24
C VAL B 37 14.17 5.10 3.60
N ARG B 38 13.35 5.39 4.59
CA ARG B 38 12.32 4.43 4.97
C ARG B 38 10.91 4.95 4.77
N GLN B 39 9.98 4.02 4.62
CA GLN B 39 8.59 4.35 4.41
C GLN B 39 7.74 3.54 5.37
N THR B 40 6.91 4.22 6.16
CA THR B 40 6.06 3.55 7.12
C THR B 40 4.66 3.27 6.56
N ALA B 41 3.81 2.67 7.38
CA ALA B 41 2.44 2.34 6.97
C ALA B 41 1.68 3.54 6.44
N ASP B 42 1.79 4.67 7.13
CA ASP B 42 1.08 5.87 6.72
C ASP B 42 1.61 6.37 5.37
N LYS B 43 2.41 5.53 4.71
CA LYS B 43 3.00 5.85 3.42
C LYS B 43 3.94 7.05 3.48
N ARG B 44 4.36 7.42 4.68
CA ARG B 44 5.26 8.55 4.85
C ARG B 44 6.71 8.14 4.61
N LEU B 45 7.46 9.00 3.92
CA LEU B 45 8.86 8.76 3.61
C LEU B 45 9.71 9.49 4.63
N GLU B 46 10.76 8.83 5.12
CA GLU B 46 11.64 9.46 6.10
C GLU B 46 13.11 9.22 5.78
N TRP B 47 13.82 10.29 5.44
CA TRP B 47 15.24 10.20 5.14
C TRP B 47 15.90 9.71 6.45
N VAL B 48 16.73 8.68 6.34
CA VAL B 48 17.37 8.11 7.50
C VAL B 48 18.88 8.36 7.62
N ALA B 49 19.62 8.16 6.53
CA ALA B 49 21.07 8.34 6.58
C ALA B 49 21.74 8.32 5.22
N SER B 50 22.98 8.78 5.19
CA SER B 50 23.75 8.80 3.96
C SER B 50 25.23 8.82 4.26
N ILE B 51 26.02 8.49 3.25
CA ILE B 51 27.47 8.49 3.34
C ILE B 51 27.94 9.04 1.99
N VAL B 52 28.84 10.03 2.02
CA VAL B 52 29.32 10.64 0.79
C VAL B 52 30.65 10.08 0.31
N SER B 53 30.97 10.35 -0.96
CA SER B 53 32.21 9.84 -1.54
C SER B 53 33.43 10.10 -0.66
N GLY B 54 33.42 11.21 0.06
CA GLY B 54 34.55 11.54 0.93
C GLY B 54 34.64 10.78 2.25
N GLY B 55 33.60 10.03 2.59
CA GLY B 55 33.63 9.28 3.84
C GLY B 55 32.80 9.83 4.99
N ASN B 56 32.29 11.05 4.85
CA ASN B 56 31.49 11.64 5.92
C ASN B 56 30.12 10.97 5.96
N THR B 57 29.55 10.83 7.15
CA THR B 57 28.25 10.21 7.29
C THR B 57 27.28 11.18 7.92
N TYR B 58 25.99 11.01 7.62
CA TYR B 58 24.96 11.88 8.15
C TYR B 58 23.75 11.07 8.59
N TYR B 59 23.12 11.48 9.68
CA TYR B 59 21.97 10.74 10.22
C TYR B 59 20.85 11.67 10.64
N SER B 60 19.63 11.13 10.66
CA SER B 60 18.50 11.93 11.11
C SER B 60 18.55 11.76 12.64
N GLY B 61 18.08 12.75 13.38
CA GLY B 61 18.12 12.68 14.83
C GLY B 61 17.37 11.51 15.45
N SER B 62 16.33 11.04 14.80
CA SER B 62 15.55 9.94 15.35
C SER B 62 16.26 8.61 15.21
N VAL B 63 17.44 8.65 14.58
CA VAL B 63 18.20 7.44 14.32
C VAL B 63 19.67 7.50 14.72
N LYS B 64 20.20 8.72 14.86
CA LYS B 64 21.60 8.91 15.21
C LYS B 64 22.03 8.21 16.50
N GLY B 65 23.15 7.51 16.44
CA GLY B 65 23.65 6.79 17.60
C GLY B 65 23.13 5.36 17.69
N ARG B 66 22.01 5.09 17.02
CA ARG B 66 21.43 3.75 17.02
C ARG B 66 21.75 3.04 15.71
N PHE B 67 21.59 3.76 14.60
CA PHE B 67 21.85 3.22 13.28
C PHE B 67 23.22 3.66 12.78
N THR B 68 23.93 2.75 12.15
CA THR B 68 25.25 3.04 11.61
C THR B 68 25.28 2.73 10.12
N ILE B 69 25.49 3.75 9.30
CA ILE B 69 25.56 3.54 7.87
C ILE B 69 27.04 3.35 7.54
N SER B 70 27.35 2.44 6.63
CA SER B 70 28.73 2.17 6.25
C SER B 70 28.74 1.57 4.86
N ARG B 71 29.92 1.50 4.27
CA ARG B 71 30.06 0.93 2.93
C ARG B 71 31.41 0.24 2.80
N ASP B 72 31.49 -0.68 1.85
CA ASP B 72 32.70 -1.42 1.57
C ASP B 72 32.93 -1.19 0.09
N ILE B 73 33.68 -0.15 -0.23
CA ILE B 73 33.97 0.19 -1.62
C ILE B 73 34.56 -1.00 -2.37
N ALA B 74 35.20 -1.87 -1.63
CA ALA B 74 35.81 -3.05 -2.22
C ALA B 74 34.76 -3.98 -2.80
N ARG B 75 33.73 -4.29 -2.01
CA ARG B 75 32.68 -5.20 -2.43
C ARG B 75 31.41 -4.56 -2.99
N ASN B 76 31.46 -3.27 -3.32
CA ASN B 76 30.28 -2.57 -3.83
C ASN B 76 29.02 -2.81 -2.98
N ILE B 77 29.17 -2.77 -1.66
CA ILE B 77 28.02 -2.99 -0.78
C ILE B 77 27.84 -1.82 0.21
N LEU B 78 26.59 -1.43 0.42
CA LEU B 78 26.23 -0.37 1.36
C LEU B 78 25.48 -1.09 2.50
N TYR B 79 25.72 -0.70 3.74
CA TYR B 79 25.06 -1.34 4.87
C TYR B 79 24.39 -0.34 5.77
N LEU B 80 23.54 -0.86 6.65
CA LEU B 80 22.84 -0.07 7.65
C LEU B 80 22.69 -0.96 8.88
N GLN B 81 23.58 -0.77 9.85
CA GLN B 81 23.52 -1.56 11.09
C GLN B 81 22.51 -0.90 12.00
N MET B 82 21.50 -1.65 12.39
CA MET B 82 20.50 -1.10 13.29
C MET B 82 20.69 -1.72 14.67
N SER B 83 20.51 -0.91 15.71
CA SER B 83 20.63 -1.38 17.08
C SER B 83 19.56 -0.70 17.92
N SER B 84 19.30 -1.23 19.11
CA SER B 84 18.30 -0.65 19.99
C SER B 84 17.04 -0.34 19.19
N LEU B 85 16.58 -1.32 18.42
CA LEU B 85 15.40 -1.12 17.60
C LEU B 85 14.15 -0.79 18.39
N ARG B 86 13.33 0.08 17.82
CA ARG B 86 12.08 0.49 18.46
C ARG B 86 10.90 0.16 17.54
N SER B 87 9.71 0.08 18.13
CA SER B 87 8.50 -0.22 17.36
C SER B 87 8.37 0.73 16.18
N GLU B 88 8.67 2.01 16.41
CA GLU B 88 8.56 3.03 15.38
C GLU B 88 9.56 2.89 14.24
N ASP B 89 10.46 1.91 14.33
CA ASP B 89 11.43 1.73 13.27
C ASP B 89 10.88 0.78 12.21
N THR B 90 9.74 0.15 12.50
CA THR B 90 9.12 -0.77 11.56
C THR B 90 8.78 0.00 10.29
N ALA B 91 9.24 -0.51 9.15
CA ALA B 91 8.98 0.15 7.87
C ALA B 91 9.72 -0.55 6.73
N MET B 92 9.52 -0.05 5.52
CA MET B 92 10.19 -0.60 4.35
C MET B 92 11.44 0.26 4.17
N TYR B 93 12.60 -0.37 4.12
CA TYR B 93 13.85 0.38 3.97
C TYR B 93 14.44 0.30 2.56
N TYR B 94 14.67 1.46 1.95
CA TYR B 94 15.24 1.50 0.61
C TYR B 94 16.59 2.19 0.64
N CYS B 95 17.44 1.82 -0.30
CA CYS B 95 18.71 2.49 -0.42
C CYS B 95 18.63 3.18 -1.77
N ALA B 96 19.26 4.33 -1.91
CA ALA B 96 19.22 5.06 -3.16
C ALA B 96 20.53 5.82 -3.36
N ARG B 97 20.91 6.01 -4.61
CA ARG B 97 22.15 6.69 -4.95
C ARG B 97 21.90 8.14 -5.35
N ALA B 98 22.91 8.99 -5.14
CA ALA B 98 22.77 10.38 -5.54
C ALA B 98 22.74 10.36 -7.05
N TYR B 99 22.09 11.34 -7.67
CA TYR B 99 22.08 11.41 -9.13
C TYR B 99 23.51 11.80 -9.48
N TYR B 100 24.02 12.79 -8.77
CA TYR B 100 25.40 13.25 -8.95
C TYR B 100 25.75 14.07 -7.71
N GLY B 101 27.02 14.00 -7.30
CA GLY B 101 27.45 14.72 -6.11
C GLY B 101 26.60 14.24 -4.95
N TYR B 102 25.81 15.14 -4.39
CA TYR B 102 24.93 14.82 -3.27
C TYR B 102 23.58 15.40 -3.66
N VAL B 103 23.30 15.35 -4.95
CA VAL B 103 22.06 15.88 -5.50
C VAL B 103 21.15 14.75 -5.95
N GLY B 104 19.92 14.74 -5.44
CA GLY B 104 18.96 13.74 -5.82
C GLY B 104 19.13 12.35 -5.23
N LEU B 105 18.08 11.54 -5.40
CA LEU B 105 18.05 10.18 -4.92
C LEU B 105 17.40 9.39 -6.06
N VAL B 106 18.20 8.56 -6.74
CA VAL B 106 17.73 7.80 -7.88
C VAL B 106 18.00 6.29 -7.84
N HIS B 107 17.28 5.55 -8.69
CA HIS B 107 17.44 4.11 -8.77
C HIS B 107 17.21 3.40 -7.43
N TRP B 108 16.18 3.86 -6.72
CA TRP B 108 15.82 3.27 -5.44
C TRP B 108 15.63 1.76 -5.61
N GLY B 109 16.07 0.98 -4.64
CA GLY B 109 15.91 -0.46 -4.74
C GLY B 109 14.47 -0.81 -4.42
N GLN B 110 14.12 -2.09 -4.50
CA GLN B 110 12.76 -2.50 -4.19
C GLN B 110 12.51 -2.41 -2.68
N GLY B 111 13.59 -2.25 -1.91
CA GLY B 111 13.48 -2.13 -0.47
C GLY B 111 13.36 -3.44 0.30
N THR B 112 13.71 -3.42 1.58
CA THR B 112 13.60 -4.62 2.39
C THR B 112 12.76 -4.27 3.63
N LEU B 113 11.87 -5.18 4.01
CA LEU B 113 10.95 -4.97 5.13
C LEU B 113 11.51 -5.31 6.52
N VAL B 114 11.40 -4.35 7.43
CA VAL B 114 11.86 -4.56 8.80
C VAL B 114 10.67 -4.39 9.73
N THR B 115 10.40 -5.42 10.54
CA THR B 115 9.30 -5.36 11.48
C THR B 115 9.81 -5.54 12.90
N VAL B 116 9.55 -4.54 13.74
CA VAL B 116 9.97 -4.56 15.13
C VAL B 116 8.78 -4.87 16.02
N SER B 117 8.77 -6.07 16.56
CA SER B 117 7.66 -6.49 17.41
C SER B 117 7.97 -7.73 18.23
N SER B 118 7.22 -7.93 19.30
CA SER B 118 7.39 -9.09 20.17
C SER B 118 6.46 -10.22 19.74
N ALA B 119 5.58 -9.94 18.78
CA ALA B 119 4.64 -10.94 18.29
C ALA B 119 5.42 -12.04 17.56
N LYS B 120 4.91 -13.26 17.58
CA LYS B 120 5.57 -14.39 16.92
C LYS B 120 5.11 -14.56 15.48
N THR B 121 5.96 -15.18 14.66
CA THR B 121 5.62 -15.44 13.28
C THR B 121 4.58 -16.58 13.23
N THR B 122 3.43 -16.31 12.66
CA THR B 122 2.38 -17.31 12.57
C THR B 122 1.76 -17.29 11.16
N PRO B 123 1.51 -18.48 10.58
CA PRO B 123 0.93 -18.62 9.24
C PRO B 123 -0.52 -18.18 9.15
N PRO B 124 -1.01 -17.98 7.93
CA PRO B 124 -2.39 -17.56 7.76
C PRO B 124 -3.32 -18.75 7.60
N SER B 125 -4.60 -18.53 7.89
CA SER B 125 -5.61 -19.56 7.69
C SER B 125 -6.30 -19.05 6.43
N VAL B 126 -6.53 -19.94 5.47
CA VAL B 126 -7.19 -19.56 4.22
C VAL B 126 -8.58 -20.16 4.13
N TYR B 127 -9.57 -19.31 3.89
CA TYR B 127 -10.97 -19.75 3.80
C TYR B 127 -11.61 -19.30 2.49
N PRO B 128 -12.39 -20.18 1.88
CA PRO B 128 -13.07 -19.87 0.62
C PRO B 128 -14.30 -19.00 0.83
N LEU B 129 -14.55 -18.10 -0.12
CA LEU B 129 -15.72 -17.24 -0.08
C LEU B 129 -16.53 -17.58 -1.32
N ALA B 130 -17.58 -18.38 -1.16
CA ALA B 130 -18.42 -18.80 -2.26
C ALA B 130 -19.85 -18.25 -2.18
N PRO B 131 -20.51 -18.07 -3.34
CA PRO B 131 -21.88 -17.56 -3.41
C PRO B 131 -22.87 -18.40 -2.62
N GLY B 132 -23.76 -17.73 -1.89
CA GLY B 132 -24.76 -18.45 -1.12
C GLY B 132 -25.82 -18.97 -2.06
N SER B 133 -25.35 -19.65 -3.12
CA SER B 133 -26.22 -20.23 -4.14
C SER B 133 -26.86 -19.12 -4.97
N ALA B 134 -28.10 -18.77 -4.66
CA ALA B 134 -28.83 -17.73 -5.38
C ALA B 134 -28.67 -17.94 -6.88
N ALA B 135 -29.69 -18.57 -7.49
CA ALA B 135 -29.72 -18.87 -8.92
C ALA B 135 -28.79 -18.05 -9.82
N GLN B 136 -28.61 -16.78 -9.48
CA GLN B 136 -27.75 -15.87 -10.24
C GLN B 136 -28.42 -15.43 -11.54
N THR B 137 -28.26 -16.24 -12.58
CA THR B 137 -28.81 -15.93 -13.90
C THR B 137 -28.13 -14.64 -14.37
N ASN B 138 -27.14 -14.21 -13.60
CA ASN B 138 -26.38 -13.01 -13.90
C ASN B 138 -25.13 -13.34 -14.69
N SER B 139 -24.68 -12.39 -15.49
CA SER B 139 -23.51 -12.56 -16.33
C SER B 139 -22.20 -12.83 -15.58
N MET B 140 -22.02 -12.23 -14.42
CA MET B 140 -20.79 -12.41 -13.65
C MET B 140 -21.02 -12.98 -12.26
N VAL B 141 -20.00 -13.67 -11.75
CA VAL B 141 -20.04 -14.25 -10.42
C VAL B 141 -18.77 -13.82 -9.67
N THR B 142 -18.92 -13.45 -8.40
CA THR B 142 -17.78 -13.01 -7.61
C THR B 142 -17.37 -14.04 -6.55
N LEU B 143 -16.09 -14.40 -6.54
CA LEU B 143 -15.56 -15.37 -5.58
C LEU B 143 -14.47 -14.69 -4.75
N GLY B 144 -13.94 -15.39 -3.77
CA GLY B 144 -12.91 -14.79 -2.95
C GLY B 144 -12.29 -15.72 -1.92
N CYS B 145 -11.26 -15.20 -1.24
CA CYS B 145 -10.53 -15.91 -0.21
C CYS B 145 -10.24 -14.99 0.96
N LEU B 146 -10.54 -15.48 2.16
CA LEU B 146 -10.32 -14.76 3.40
C LEU B 146 -9.04 -15.34 4.01
N VAL B 147 -7.99 -14.53 4.08
CA VAL B 147 -6.71 -14.96 4.66
C VAL B 147 -6.66 -14.35 6.05
N LYS B 148 -6.79 -15.20 7.07
CA LYS B 148 -6.85 -14.73 8.45
C LYS B 148 -5.75 -15.17 9.42
N GLY B 149 -5.54 -14.31 10.42
CA GLY B 149 -4.57 -14.56 11.49
C GLY B 149 -3.11 -14.84 11.23
N TYR B 150 -2.43 -14.00 10.44
CA TYR B 150 -1.00 -14.24 10.21
C TYR B 150 -0.16 -13.08 10.72
N PHE B 151 1.16 -13.29 10.73
CA PHE B 151 2.11 -12.28 11.17
C PHE B 151 3.53 -12.73 10.84
N PRO B 152 4.36 -11.80 10.38
CA PRO B 152 4.04 -10.39 10.17
C PRO B 152 3.67 -10.23 8.69
N GLU B 153 3.59 -8.99 8.23
CA GLU B 153 3.31 -8.74 6.82
C GLU B 153 4.54 -9.23 6.06
N PRO B 154 4.39 -9.52 4.75
CA PRO B 154 3.18 -9.43 3.95
C PRO B 154 2.69 -10.79 3.48
N VAL B 155 1.58 -10.76 2.77
CA VAL B 155 0.96 -11.94 2.19
C VAL B 155 0.58 -11.60 0.75
N THR B 156 0.87 -12.51 -0.19
CA THR B 156 0.50 -12.30 -1.59
C THR B 156 -0.62 -13.26 -1.95
N VAL B 157 -1.46 -12.85 -2.90
CA VAL B 157 -2.58 -13.65 -3.35
C VAL B 157 -2.70 -13.59 -4.86
N THR B 158 -2.77 -14.76 -5.50
CA THR B 158 -2.93 -14.82 -6.95
C THR B 158 -4.06 -15.80 -7.19
N TRP B 159 -4.62 -15.77 -8.40
CA TRP B 159 -5.71 -16.67 -8.74
C TRP B 159 -5.32 -17.48 -9.95
N ASN B 160 -5.48 -18.80 -9.85
CA ASN B 160 -5.10 -19.68 -10.93
C ASN B 160 -3.67 -19.34 -11.35
N SER B 161 -2.81 -19.18 -10.36
CA SER B 161 -1.40 -18.89 -10.58
C SER B 161 -1.13 -17.63 -11.41
N GLY B 162 -2.08 -16.71 -11.42
CA GLY B 162 -1.91 -15.48 -12.18
C GLY B 162 -2.75 -15.44 -13.44
N SER B 163 -3.27 -16.59 -13.87
CA SER B 163 -4.11 -16.66 -15.05
C SER B 163 -5.30 -15.71 -14.98
N LEU B 164 -5.84 -15.51 -13.79
CA LEU B 164 -6.97 -14.59 -13.62
C LEU B 164 -6.47 -13.25 -13.07
N SER B 165 -6.24 -12.30 -13.98
CA SER B 165 -5.76 -10.97 -13.61
C SER B 165 -6.91 -9.98 -13.49
N SER B 166 -7.76 -9.95 -14.51
CA SER B 166 -8.90 -9.05 -14.52
C SER B 166 -9.90 -9.43 -13.43
N GLY B 167 -10.66 -8.43 -12.98
CA GLY B 167 -11.67 -8.67 -11.95
C GLY B 167 -11.11 -9.07 -10.61
N VAL B 168 -9.86 -8.74 -10.34
CA VAL B 168 -9.25 -9.08 -9.06
C VAL B 168 -9.05 -7.87 -8.16
N HIS B 169 -9.43 -8.04 -6.90
CA HIS B 169 -9.27 -6.98 -5.91
C HIS B 169 -8.70 -7.63 -4.65
N THR B 170 -7.46 -7.27 -4.30
CA THR B 170 -6.85 -7.80 -3.10
C THR B 170 -6.71 -6.61 -2.16
N PHE B 171 -7.45 -6.68 -1.06
CA PHE B 171 -7.50 -5.61 -0.08
C PHE B 171 -6.32 -5.59 0.88
N PRO B 172 -5.94 -4.39 1.34
CA PRO B 172 -4.81 -4.23 2.27
C PRO B 172 -5.16 -4.88 3.60
N ALA B 173 -4.17 -5.54 4.21
CA ALA B 173 -4.41 -6.21 5.48
C ALA B 173 -4.70 -5.23 6.62
N VAL B 174 -5.45 -5.70 7.60
CA VAL B 174 -5.79 -4.90 8.76
C VAL B 174 -5.25 -5.65 9.97
N LEU B 175 -4.63 -4.92 10.89
CA LEU B 175 -4.06 -5.51 12.09
C LEU B 175 -5.02 -5.44 13.26
N GLN B 176 -5.48 -6.62 13.68
CA GLN B 176 -6.41 -6.74 14.81
C GLN B 176 -5.87 -7.74 15.83
N SER B 177 -5.58 -7.25 17.04
CA SER B 177 -5.06 -8.10 18.11
C SER B 177 -3.69 -8.65 17.73
N ASP B 178 -2.89 -7.80 17.10
CA ASP B 178 -1.55 -8.17 16.67
C ASP B 178 -1.56 -9.36 15.70
N LEU B 179 -2.63 -9.46 14.94
CA LEU B 179 -2.78 -10.50 13.93
C LEU B 179 -3.36 -9.82 12.70
N TYR B 180 -2.83 -10.16 11.53
CA TYR B 180 -3.30 -9.58 10.28
C TYR B 180 -4.36 -10.42 9.59
N THR B 181 -5.27 -9.74 8.91
CA THR B 181 -6.33 -10.40 8.13
C THR B 181 -6.64 -9.56 6.90
N LEU B 182 -6.78 -10.21 5.77
CA LEU B 182 -7.11 -9.51 4.53
C LEU B 182 -7.95 -10.44 3.68
N SER B 183 -8.43 -9.91 2.57
CA SER B 183 -9.26 -10.68 1.67
C SER B 183 -8.95 -10.33 0.23
N SER B 184 -9.42 -11.18 -0.67
CA SER B 184 -9.26 -10.98 -2.09
C SER B 184 -10.48 -11.53 -2.78
N SER B 185 -11.00 -10.77 -3.72
CA SER B 185 -12.16 -11.21 -4.47
C SER B 185 -11.79 -11.23 -5.95
N VAL B 186 -12.46 -12.11 -6.69
CA VAL B 186 -12.22 -12.20 -8.12
C VAL B 186 -13.60 -12.34 -8.73
N THR B 187 -13.77 -11.76 -9.91
CA THR B 187 -15.05 -11.81 -10.61
C THR B 187 -14.86 -12.38 -12.01
N VAL B 188 -15.55 -13.49 -12.28
CA VAL B 188 -15.47 -14.17 -13.57
C VAL B 188 -16.87 -14.41 -14.09
N PRO B 189 -16.99 -14.71 -15.40
CA PRO B 189 -18.30 -14.97 -15.99
C PRO B 189 -18.87 -16.26 -15.43
N SER B 190 -20.20 -16.30 -15.31
CA SER B 190 -20.88 -17.48 -14.78
C SER B 190 -20.55 -18.74 -15.58
N SER B 191 -20.10 -18.54 -16.82
CA SER B 191 -19.76 -19.67 -17.68
C SER B 191 -18.34 -20.15 -17.42
N THR B 192 -17.66 -19.51 -16.47
CA THR B 192 -16.30 -19.89 -16.15
C THR B 192 -16.24 -20.77 -14.89
N TRP B 193 -17.08 -20.43 -13.92
CA TRP B 193 -17.13 -21.17 -12.66
C TRP B 193 -18.58 -21.52 -12.40
N PRO B 194 -18.85 -22.72 -11.85
CA PRO B 194 -17.93 -23.79 -11.45
C PRO B 194 -17.46 -24.78 -12.52
N SER B 195 -17.78 -24.52 -13.79
CA SER B 195 -17.36 -25.42 -14.85
C SER B 195 -15.83 -25.58 -14.86
N GLU B 196 -15.12 -24.48 -14.66
CA GLU B 196 -13.66 -24.54 -14.63
C GLU B 196 -13.19 -24.36 -13.18
N THR B 197 -11.93 -24.66 -12.91
CA THR B 197 -11.42 -24.53 -11.56
C THR B 197 -10.84 -23.14 -11.28
N VAL B 198 -11.23 -22.62 -10.12
CA VAL B 198 -10.79 -21.33 -9.66
C VAL B 198 -10.14 -21.53 -8.31
N THR B 199 -8.86 -21.22 -8.22
CA THR B 199 -8.10 -21.39 -6.99
C THR B 199 -7.31 -20.15 -6.64
N CYS B 200 -7.38 -19.75 -5.37
CA CYS B 200 -6.60 -18.60 -4.95
C CYS B 200 -5.30 -19.15 -4.41
N ASN B 201 -4.18 -18.51 -4.72
CA ASN B 201 -2.88 -18.94 -4.25
C ASN B 201 -2.38 -17.93 -3.24
N VAL B 202 -2.26 -18.37 -1.99
CA VAL B 202 -1.80 -17.51 -0.90
C VAL B 202 -0.34 -17.79 -0.53
N ALA B 203 0.45 -16.74 -0.40
CA ALA B 203 1.85 -16.90 -0.03
C ALA B 203 2.18 -16.06 1.21
N HIS B 204 2.97 -16.64 2.11
CA HIS B 204 3.39 -15.96 3.33
C HIS B 204 4.86 -16.33 3.54
N PRO B 205 5.76 -15.77 2.74
CA PRO B 205 7.19 -16.07 2.85
C PRO B 205 7.75 -16.15 4.27
N ALA B 206 7.25 -15.30 5.17
CA ALA B 206 7.74 -15.30 6.54
C ALA B 206 7.66 -16.67 7.19
N SER B 207 6.58 -17.39 6.88
CA SER B 207 6.39 -18.72 7.45
C SER B 207 6.64 -19.77 6.38
N SER B 208 7.23 -19.36 5.27
CA SER B 208 7.52 -20.29 4.18
C SER B 208 6.25 -20.99 3.72
N THR B 209 5.12 -20.28 3.80
CA THR B 209 3.83 -20.81 3.40
C THR B 209 3.47 -20.47 1.95
N LYS B 210 2.88 -21.45 1.26
CA LYS B 210 2.42 -21.32 -0.12
C LYS B 210 1.23 -22.25 -0.16
N VAL B 211 0.04 -21.68 -0.03
CA VAL B 211 -1.16 -22.49 -0.01
C VAL B 211 -2.17 -22.21 -1.12
N ASP B 212 -2.83 -23.27 -1.57
CA ASP B 212 -3.83 -23.19 -2.62
C ASP B 212 -5.19 -23.54 -2.03
N LYS B 213 -6.20 -22.79 -2.42
CA LYS B 213 -7.56 -23.03 -1.93
C LYS B 213 -8.54 -22.92 -3.10
N LYS B 214 -9.16 -24.06 -3.41
CA LYS B 214 -10.12 -24.15 -4.49
C LYS B 214 -11.48 -23.68 -4.02
N ILE B 215 -12.13 -22.86 -4.82
CA ILE B 215 -13.45 -22.35 -4.49
C ILE B 215 -14.49 -23.29 -5.09
N VAL B 216 -15.22 -23.99 -4.22
CA VAL B 216 -16.25 -24.91 -4.67
C VAL B 216 -17.59 -24.33 -4.26
N PRO B 217 -18.62 -24.55 -5.07
CA PRO B 217 -19.94 -24.01 -4.73
C PRO B 217 -20.49 -24.64 -3.46
N ARG B 218 -21.41 -23.95 -2.81
CA ARG B 218 -22.03 -24.47 -1.60
C ARG B 218 -23.21 -25.32 -2.04
N ASP B 219 -23.04 -26.63 -2.04
CA ASP B 219 -24.12 -27.52 -2.46
C ASP B 219 -25.44 -27.22 -1.77
N CYS B 220 -26.52 -27.36 -2.53
CA CYS B 220 -27.86 -27.09 -2.06
C CYS B 220 -28.74 -28.35 -2.22
#